data_6ZGN
#
_entry.id   6ZGN
#
_cell.length_a   50.162
_cell.length_b   50.162
_cell.length_c   120.883
_cell.angle_alpha   90.000
_cell.angle_beta   90.000
_cell.angle_gamma   90.000
#
_symmetry.space_group_name_H-M   'P 41 21 2'
#
loop_
_entity.id
_entity.type
_entity.pdbx_description
1 polymer 'Putative transfer protein'
2 water water
#
_entity_poly.entity_id   1
_entity_poly.type   'polypeptide(L)'
_entity_poly.pdbx_seq_one_letter_code
;SNKVGTLQAQVEATQKQKAQPIDANRKYDYKLQYYLNDYVYAYFTLPQEGDKQQAQVEHLNSFYNFVPDVKAQGQVRNPS
TLLDSQLVTVEGKVATYKVKYKEMIQHDKDTEEKELVTGFNIPFDEKEGKYYVSGLPWFSA
;
_entity_poly.pdbx_strand_id   A
#
# COMPACT_ATOMS: atom_id res chain seq x y z
N ASP A 29 6.49 14.77 6.43
CA ASP A 29 6.86 14.21 7.73
C ASP A 29 7.58 12.89 7.52
N TYR A 30 8.78 12.77 8.09
CA TYR A 30 9.60 11.58 7.85
C TYR A 30 9.00 10.35 8.50
N LYS A 31 8.45 10.48 9.71
CA LYS A 31 7.90 9.31 10.39
C LYS A 31 6.75 8.71 9.60
N LEU A 32 5.88 9.57 9.05
CA LEU A 32 4.78 9.10 8.21
C LEU A 32 5.31 8.33 7.00
N GLN A 33 6.37 8.84 6.39
CA GLN A 33 6.90 8.17 5.20
C GLN A 33 7.48 6.82 5.54
N TYR A 34 8.19 6.71 6.67
CA TYR A 34 8.70 5.40 7.06
C TYR A 34 7.56 4.44 7.25
N TYR A 35 6.47 4.90 7.88
CA TYR A 35 5.33 4.02 8.12
C TYR A 35 4.66 3.61 6.82
N LEU A 36 4.27 4.58 6.00
CA LEU A 36 3.53 4.26 4.78
C LEU A 36 4.39 3.56 3.75
N ASN A 37 5.72 3.75 3.79
CA ASN A 37 6.60 3.01 2.89
C ASN A 37 6.43 1.51 3.09
N ASP A 38 6.27 1.08 4.35
CA ASP A 38 6.06 -0.35 4.62
C ASP A 38 4.72 -0.80 4.08
N TYR A 39 3.68 0.03 4.24
CA TYR A 39 2.37 -0.31 3.72
C TYR A 39 2.39 -0.42 2.21
N VAL A 40 2.98 0.57 1.54
CA VAL A 40 3.04 0.55 0.08
C VAL A 40 3.81 -0.67 -0.40
N TYR A 41 4.92 -0.99 0.26
CA TYR A 41 5.69 -2.18 -0.09
C TYR A 41 4.81 -3.42 0.00
N ALA A 42 4.11 -3.57 1.12
CA ALA A 42 3.24 -4.74 1.28
C ALA A 42 2.17 -4.77 0.20
N TYR A 43 1.56 -3.63 -0.08
CA TYR A 43 0.45 -3.61 -1.03
C TYR A 43 0.89 -4.12 -2.39
N PHE A 44 2.09 -3.73 -2.83
CA PHE A 44 2.52 -3.97 -4.19
C PHE A 44 3.49 -5.13 -4.32
N THR A 45 3.50 -6.04 -3.36
CA THR A 45 4.35 -7.22 -3.44
C THR A 45 3.58 -8.49 -3.11
N LEU A 46 2.33 -8.60 -3.54
CA LEU A 46 1.60 -9.84 -3.39
C LEU A 46 2.37 -10.97 -4.08
N PRO A 47 2.63 -12.08 -3.40
CA PRO A 47 3.39 -13.17 -4.02
C PRO A 47 2.52 -14.02 -4.94
N GLN A 48 3.17 -14.90 -5.69
CA GLN A 48 2.44 -15.80 -6.58
C GLN A 48 1.94 -17.04 -5.85
N GLU A 49 2.67 -17.46 -4.81
CA GLU A 49 2.33 -18.70 -4.12
C GLU A 49 1.09 -18.51 -3.26
N GLY A 50 0.10 -19.38 -3.47
CA GLY A 50 -1.17 -19.23 -2.78
C GLY A 50 -1.04 -19.26 -1.27
N ASP A 51 -0.19 -20.14 -0.75
CA ASP A 51 -0.08 -20.22 0.71
C ASP A 51 0.56 -18.96 1.27
N LYS A 52 1.57 -18.42 0.58
CA LYS A 52 2.16 -17.15 1.03
C LYS A 52 1.17 -16.01 0.89
N GLN A 53 0.33 -16.05 -0.16
CA GLN A 53 -0.65 -14.98 -0.35
C GLN A 53 -1.58 -14.84 0.85
N GLN A 54 -2.05 -15.96 1.41
CA GLN A 54 -2.97 -15.87 2.53
C GLN A 54 -2.34 -15.11 3.68
N ALA A 55 -1.06 -15.39 3.96
CA ALA A 55 -0.37 -14.71 5.05
C ALA A 55 -0.04 -13.27 4.68
N GLN A 56 0.28 -13.00 3.41
CA GLN A 56 0.63 -11.65 3.02
C GLN A 56 -0.57 -10.73 3.10
N VAL A 57 -1.76 -11.24 2.75
CA VAL A 57 -2.98 -10.47 2.92
C VAL A 57 -3.17 -10.12 4.39
N GLU A 58 -2.94 -11.10 5.28
CA GLU A 58 -3.07 -10.83 6.70
C GLU A 58 -2.07 -9.78 7.15
N HIS A 59 -0.86 -9.80 6.58
CA HIS A 59 0.14 -8.81 6.93
C HIS A 59 -0.29 -7.42 6.46
N LEU A 60 -0.73 -7.30 5.21
CA LEU A 60 -1.23 -6.03 4.73
C LEU A 60 -2.36 -5.53 5.64
N ASN A 61 -3.28 -6.43 6.00
CA ASN A 61 -4.42 -6.03 6.82
C ASN A 61 -3.99 -5.55 8.20
N SER A 62 -2.79 -5.91 8.65
CA SER A 62 -2.34 -5.48 9.96
C SER A 62 -2.13 -3.97 10.03
N PHE A 63 -2.03 -3.30 8.88
CA PHE A 63 -1.86 -1.84 8.87
C PHE A 63 -3.16 -1.11 9.13
N TYR A 64 -4.31 -1.74 8.87
CA TYR A 64 -5.61 -1.12 9.10
C TYR A 64 -5.98 -1.25 10.58
N ASN A 65 -6.87 -0.36 11.04
CA ASN A 65 -7.48 -0.51 12.35
C ASN A 65 -8.85 -1.18 12.28
N PHE A 66 -9.10 -1.90 11.18
CA PHE A 66 -10.30 -2.69 10.98
C PHE A 66 -9.91 -3.91 10.16
N VAL A 67 -10.81 -4.88 10.07
CA VAL A 67 -10.59 -6.08 9.27
C VAL A 67 -11.36 -5.91 7.97
N PRO A 68 -10.71 -5.82 6.81
CA PRO A 68 -11.44 -5.58 5.56
C PRO A 68 -12.47 -6.66 5.28
N ASP A 69 -13.63 -6.24 4.79
CA ASP A 69 -14.65 -7.12 4.22
C ASP A 69 -14.28 -7.49 2.80
N VAL A 70 -14.34 -8.78 2.48
CA VAL A 70 -14.18 -9.20 1.09
C VAL A 70 -15.53 -9.06 0.38
N VAL A 76 -9.12 -5.90 -5.95
CA VAL A 76 -8.47 -7.18 -5.64
C VAL A 76 -7.04 -7.12 -6.16
N ARG A 77 -6.07 -7.47 -5.31
CA ARG A 77 -4.66 -7.38 -5.69
C ARG A 77 -4.23 -8.59 -6.51
N ASN A 78 -3.32 -8.35 -7.44
CA ASN A 78 -2.67 -9.38 -8.25
C ASN A 78 -1.19 -9.46 -7.90
N PRO A 79 -0.53 -10.58 -8.19
CA PRO A 79 0.91 -10.67 -7.88
C PRO A 79 1.68 -9.53 -8.51
N SER A 80 2.60 -8.95 -7.75
CA SER A 80 3.25 -7.72 -8.17
C SER A 80 4.63 -7.61 -7.54
N THR A 81 5.45 -6.75 -8.13
CA THR A 81 6.72 -6.33 -7.57
C THR A 81 6.75 -4.80 -7.59
N LEU A 82 7.24 -4.22 -6.49
CA LEU A 82 7.36 -2.76 -6.39
C LEU A 82 8.69 -2.33 -6.99
N LEU A 83 8.63 -1.37 -7.90
CA LEU A 83 9.82 -0.82 -8.53
C LEU A 83 10.26 0.50 -7.92
N ASP A 84 9.30 1.38 -7.60
CA ASP A 84 9.63 2.66 -7.01
C ASP A 84 8.38 3.25 -6.40
N SER A 85 8.56 3.98 -5.32
CA SER A 85 7.47 4.73 -4.71
C SER A 85 7.99 6.05 -4.19
N GLN A 86 7.13 7.06 -4.24
CA GLN A 86 7.49 8.45 -3.96
C GLN A 86 6.27 9.12 -3.37
N LEU A 87 6.39 9.58 -2.13
CA LEU A 87 5.30 10.36 -1.54
C LEU A 87 5.27 11.71 -2.23
N VAL A 88 4.15 12.02 -2.87
CA VAL A 88 4.02 13.25 -3.64
C VAL A 88 3.37 14.36 -2.81
N THR A 89 2.26 14.07 -2.15
CA THR A 89 1.60 15.10 -1.36
C THR A 89 0.87 14.45 -0.19
N VAL A 90 0.64 15.26 0.84
CA VAL A 90 -0.23 14.90 1.96
C VAL A 90 -1.23 16.03 2.13
N GLU A 91 -2.51 15.73 1.94
CA GLU A 91 -3.57 16.71 2.10
C GLU A 91 -4.54 16.22 3.16
N GLY A 92 -4.66 16.97 4.25
CA GLY A 92 -5.41 16.49 5.39
C GLY A 92 -4.79 15.21 5.90
N LYS A 93 -5.57 14.14 5.87
CA LYS A 93 -5.14 12.83 6.33
C LYS A 93 -5.17 11.81 5.19
N VAL A 94 -4.81 12.26 3.99
CA VAL A 94 -4.67 11.39 2.83
C VAL A 94 -3.28 11.64 2.23
N ALA A 95 -2.47 10.59 2.18
CA ALA A 95 -1.16 10.61 1.55
C ALA A 95 -1.30 10.09 0.12
N THR A 96 -0.74 10.83 -0.82
CA THR A 96 -0.78 10.44 -2.22
C THR A 96 0.63 10.09 -2.67
N TYR A 97 0.81 8.83 -3.08
CA TYR A 97 2.07 8.32 -3.60
C TYR A 97 1.98 8.22 -5.13
N LYS A 98 3.14 8.30 -5.77
CA LYS A 98 3.34 7.86 -7.15
C LYS A 98 4.06 6.52 -7.06
N VAL A 99 3.44 5.47 -7.59
CA VAL A 99 3.95 4.11 -7.46
C VAL A 99 4.24 3.54 -8.83
N LYS A 100 5.44 2.99 -8.98
CA LYS A 100 5.85 2.26 -10.18
C LYS A 100 6.00 0.80 -9.77
N TYR A 101 5.29 -0.08 -10.48
CA TYR A 101 5.25 -1.50 -10.14
C TYR A 101 5.13 -2.30 -11.43
N LYS A 102 5.30 -3.61 -11.33
CA LYS A 102 5.09 -4.47 -12.47
C LYS A 102 4.34 -5.72 -12.04
N GLU A 103 3.35 -6.09 -12.84
CA GLU A 103 2.71 -7.38 -12.75
C GLU A 103 3.58 -8.37 -13.51
N MET A 104 3.14 -9.62 -13.58
CA MET A 104 3.82 -10.65 -14.35
CA MET A 104 3.82 -10.63 -14.38
C MET A 104 2.79 -11.25 -15.32
N ILE A 105 2.58 -10.60 -16.46
CA ILE A 105 1.63 -11.08 -17.45
C ILE A 105 2.31 -11.17 -18.80
N GLU A 113 8.36 -7.15 -19.69
CA GLU A 113 7.38 -6.87 -18.64
C GLU A 113 7.14 -5.37 -18.56
N LYS A 114 5.88 -4.97 -18.73
CA LYS A 114 5.57 -3.54 -18.75
C LYS A 114 5.60 -2.98 -17.33
N GLU A 115 6.22 -1.82 -17.19
CA GLU A 115 6.20 -1.09 -15.93
C GLU A 115 4.96 -0.22 -15.86
N LEU A 116 4.22 -0.35 -14.78
CA LEU A 116 2.99 0.39 -14.55
C LEU A 116 3.28 1.52 -13.57
N VAL A 117 2.60 2.65 -13.75
CA VAL A 117 2.74 3.79 -12.85
C VAL A 117 1.35 4.28 -12.48
N THR A 118 1.11 4.50 -11.19
CA THR A 118 -0.19 4.98 -10.76
C THR A 118 -0.04 5.92 -9.56
N GLY A 119 -1.01 6.81 -9.43
CA GLY A 119 -1.25 7.45 -8.15
C GLY A 119 -1.92 6.48 -7.20
N PHE A 120 -1.59 6.61 -5.92
CA PHE A 120 -2.00 5.68 -4.88
C PHE A 120 -2.30 6.51 -3.64
N ASN A 121 -3.56 6.52 -3.24
CA ASN A 121 -4.04 7.43 -2.21
C ASN A 121 -4.39 6.64 -0.95
N ILE A 122 -3.77 7.01 0.17
CA ILE A 122 -3.85 6.26 1.41
C ILE A 122 -4.41 7.16 2.50
N PRO A 123 -5.61 6.88 3.03
CA PRO A 123 -6.08 7.60 4.21
C PRO A 123 -5.42 7.04 5.46
N PHE A 124 -5.03 7.94 6.36
CA PHE A 124 -4.33 7.51 7.56
C PHE A 124 -4.75 8.36 8.75
N ASP A 125 -4.44 7.85 9.94
CA ASP A 125 -4.62 8.61 11.16
C ASP A 125 -3.59 8.11 12.17
N GLU A 126 -3.73 8.56 13.42
CA GLU A 126 -2.79 8.28 14.49
C GLU A 126 -3.58 7.99 15.74
N LYS A 127 -3.15 6.98 16.48
CA LYS A 127 -3.72 6.65 17.78
C LYS A 127 -2.55 6.46 18.74
N GLU A 128 -2.57 7.15 19.87
CA GLU A 128 -1.54 7.01 20.88
C GLU A 128 -0.15 7.07 20.26
N GLY A 129 0.04 8.02 19.35
CA GLY A 129 1.37 8.30 18.83
C GLY A 129 1.86 7.37 17.75
N LYS A 130 0.97 6.57 17.15
CA LYS A 130 1.36 5.63 16.11
C LYS A 130 0.38 5.70 14.95
N TYR A 131 0.91 5.72 13.74
CA TYR A 131 0.09 5.82 12.55
C TYR A 131 -0.61 4.50 12.27
N TYR A 132 -1.78 4.61 11.64
CA TYR A 132 -2.47 3.46 11.08
C TYR A 132 -3.15 3.90 9.79
N VAL A 133 -3.48 2.92 8.94
CA VAL A 133 -4.21 3.18 7.71
C VAL A 133 -5.69 3.05 8.01
N SER A 134 -6.46 4.09 7.71
CA SER A 134 -7.81 4.24 8.22
C SER A 134 -8.88 3.82 7.24
N GLY A 135 -8.51 3.47 6.03
CA GLY A 135 -9.47 2.99 5.05
C GLY A 135 -8.73 2.38 3.89
N LEU A 136 -9.46 1.67 3.05
CA LEU A 136 -8.82 1.03 1.92
C LEU A 136 -8.36 2.09 0.92
N PRO A 137 -7.19 1.94 0.33
CA PRO A 137 -6.68 2.97 -0.58
C PRO A 137 -7.42 2.99 -1.90
N TRP A 138 -7.17 4.05 -2.67
CA TRP A 138 -7.75 4.18 -3.99
C TRP A 138 -6.71 4.70 -4.96
N PHE A 139 -6.93 4.36 -6.23
CA PHE A 139 -5.99 4.70 -7.29
C PHE A 139 -6.44 5.97 -8.01
N SER A 140 -5.46 6.67 -8.57
CA SER A 140 -5.69 7.87 -9.34
C SER A 140 -4.63 7.92 -10.43
N ALA A 141 -4.86 8.79 -11.40
CA ALA A 141 -3.99 8.88 -12.56
C ALA A 141 -2.54 9.06 -12.13
#